data_6Y5T
#
_entry.id   6Y5T
#
_cell.length_a   47.704
_cell.length_b   62.205
_cell.length_c   75.766
_cell.angle_alpha   90.000
_cell.angle_beta   90.000
_cell.angle_gamma   90.000
#
_symmetry.space_group_name_H-M   'P 21 21 21'
#
loop_
_entity.id
_entity.type
_entity.pdbx_description
1 polymer 'Subtilisin Savinase'
2 non-polymer 'CALCIUM ION'
3 non-polymer 'SODIUM ION'
4 water water
#
_entity_poly.entity_id   1
_entity_poly.type   'polypeptide(L)'
_entity_poly.pdbx_seq_one_letter_code
;AQSVPWGISRVQAPAAHNRGLTGSGVKVAVLDTGISTHPDLNIRGGASFVPGEPSTQDGNGHGTHVAGTIAALNNSIGVL
GVAPSAELYAVKVLGASGSGSVSSIAQGLEWAGNNGMHVANLSLGSPSPSATLEQAVNSATSRGVLVVAASGNSGAGSIS
YPARYANAMAVGATDQNNNRASFSQYGAGLDIVAPGVNVQSTYPGSTYASLNGTSMATPHVAGAAALVKQKNPSWSNVQI
RNHLKNTATSLGSTNLYGSGLVNAEAATR
;
_entity_poly.pdbx_strand_id   A
#
loop_
_chem_comp.id
_chem_comp.type
_chem_comp.name
_chem_comp.formula
CA non-polymer 'CALCIUM ION' 'Ca 2'
NA non-polymer 'SODIUM ION' 'Na 1'
#
# COMPACT_ATOMS: atom_id res chain seq x y z
N ALA A 1 -14.25 20.81 4.91
CA ALA A 1 -14.27 20.38 3.51
C ALA A 1 -13.29 19.24 3.27
N GLN A 2 -13.73 18.23 2.53
CA GLN A 2 -12.87 17.12 2.16
C GLN A 2 -12.30 17.35 0.77
N SER A 3 -11.01 17.08 0.61
CA SER A 3 -10.35 17.16 -0.68
CA SER A 3 -10.33 17.16 -0.66
CA SER A 3 -10.34 17.16 -0.67
C SER A 3 -10.08 15.76 -1.20
N VAL A 4 -10.10 15.62 -2.52
CA VAL A 4 -9.77 14.35 -3.16
C VAL A 4 -8.37 14.50 -3.76
N PRO A 5 -7.35 13.87 -3.19
CA PRO A 5 -6.00 14.02 -3.76
C PRO A 5 -5.96 13.55 -5.20
N TRP A 6 -5.06 14.15 -5.99
CA TRP A 6 -5.04 13.88 -7.43
C TRP A 6 -4.88 12.39 -7.72
N GLY A 7 -4.08 11.68 -6.91
CA GLY A 7 -3.85 10.27 -7.21
C GLY A 7 -5.08 9.42 -7.02
N ILE A 8 -5.93 9.77 -6.05
CA ILE A 8 -7.17 9.05 -5.83
C ILE A 8 -8.07 9.18 -7.06
N SER A 9 -8.17 10.39 -7.60
N SER A 9 -8.15 10.37 -7.63
N SER A 9 -8.14 10.38 -7.63
CA SER A 9 -8.92 10.58 -8.84
CA SER A 9 -8.96 10.54 -8.84
CA SER A 9 -8.92 10.61 -8.84
C SER A 9 -8.27 9.86 -10.01
C SER A 9 -8.28 9.95 -10.07
C SER A 9 -8.27 9.94 -10.04
N ARG A 10 -6.94 9.91 -10.09
CA ARG A 10 -6.24 9.33 -11.24
C ARG A 10 -6.46 7.84 -11.34
N VAL A 11 -6.51 7.13 -10.20
CA VAL A 11 -6.79 5.70 -10.20
C VAL A 11 -8.28 5.40 -10.30
N GLN A 12 -9.13 6.44 -10.36
CA GLN A 12 -10.56 6.31 -10.59
C GLN A 12 -11.30 5.64 -9.43
N ALA A 13 -10.78 5.81 -8.22
CA ALA A 13 -11.47 5.29 -7.05
C ALA A 13 -12.88 5.85 -6.87
N PRO A 14 -13.15 7.13 -7.13
CA PRO A 14 -14.54 7.61 -6.94
C PRO A 14 -15.56 6.88 -7.81
N ALA A 15 -15.18 6.40 -8.99
CA ALA A 15 -16.13 5.63 -9.79
C ALA A 15 -16.49 4.33 -9.09
N ALA A 16 -15.52 3.67 -8.46
CA ALA A 16 -15.83 2.48 -7.68
C ALA A 16 -16.72 2.80 -6.49
N HIS A 17 -16.46 3.93 -5.80
CA HIS A 17 -17.29 4.32 -4.68
C HIS A 17 -18.74 4.51 -5.12
N ASN A 18 -18.94 5.03 -6.33
CA ASN A 18 -20.29 5.26 -6.83
C ASN A 18 -21.03 3.97 -7.13
N ARG A 19 -20.31 2.87 -7.35
CA ARG A 19 -20.89 1.53 -7.46
C ARG A 19 -21.18 0.92 -6.10
N GLY A 20 -20.87 1.62 -5.02
CA GLY A 20 -21.04 1.06 -3.70
C GLY A 20 -19.88 0.25 -3.19
N LEU A 21 -18.70 0.36 -3.82
CA LEU A 21 -17.53 -0.41 -3.42
C LEU A 21 -16.57 0.51 -2.70
N THR A 22 -16.36 0.26 -1.41
N THR A 22 -16.34 0.21 -1.42
CA THR A 22 -15.47 1.09 -0.60
CA THR A 22 -15.55 1.06 -0.54
C THR A 22 -14.54 0.28 0.29
C THR A 22 -14.49 0.28 0.22
N GLY A 23 -14.44 -1.04 0.09
CA GLY A 23 -13.55 -1.86 0.88
C GLY A 23 -14.14 -2.41 2.15
N SER A 24 -15.44 -2.29 2.36
CA SER A 24 -16.07 -2.78 3.57
CA SER A 24 -16.06 -2.78 3.58
CA SER A 24 -16.06 -2.78 3.58
C SER A 24 -15.81 -4.27 3.75
N GLY A 25 -15.46 -4.66 4.98
CA GLY A 25 -15.20 -6.05 5.31
C GLY A 25 -13.84 -6.56 4.89
N VAL A 26 -13.00 -5.75 4.28
CA VAL A 26 -11.69 -6.19 3.82
C VAL A 26 -10.63 -5.75 4.83
N LYS A 27 -9.80 -6.68 5.26
CA LYS A 27 -8.79 -6.42 6.28
C LYS A 27 -7.46 -6.12 5.62
N VAL A 28 -6.91 -4.93 5.90
CA VAL A 28 -5.68 -4.46 5.27
C VAL A 28 -4.66 -4.18 6.37
N ALA A 29 -3.53 -4.88 6.32
CA ALA A 29 -2.45 -4.66 7.27
C ALA A 29 -1.44 -3.69 6.66
N VAL A 30 -1.08 -2.66 7.40
CA VAL A 30 -0.08 -1.70 6.98
C VAL A 30 1.18 -1.98 7.78
N LEU A 31 2.19 -2.55 7.12
CA LEU A 31 3.45 -2.94 7.77
C LEU A 31 4.39 -1.76 7.59
N ASP A 32 4.56 -0.98 8.65
CA ASP A 32 5.21 0.32 8.49
C ASP A 32 5.67 0.82 9.86
N THR A 33 5.75 2.14 10.01
CA THR A 33 6.21 2.77 11.24
C THR A 33 5.12 2.89 12.30
N GLY A 34 3.94 2.33 12.07
CA GLY A 34 2.78 2.50 12.92
C GLY A 34 1.73 3.34 12.21
N ILE A 35 0.61 3.53 12.91
CA ILE A 35 -0.44 4.45 12.45
C ILE A 35 -0.91 5.23 13.66
N SER A 36 -0.90 6.55 13.56
CA SER A 36 -1.36 7.41 14.64
CA SER A 36 -1.37 7.37 14.66
C SER A 36 -2.87 7.63 14.54
N THR A 37 -3.50 7.74 15.70
N THR A 37 -3.52 7.74 15.69
CA THR A 37 -4.88 8.21 15.78
CA THR A 37 -4.94 8.09 15.67
C THR A 37 -5.03 9.50 14.99
C THR A 37 -5.10 9.49 15.08
N HIS A 38 -6.16 9.65 14.28
CA HIS A 38 -6.33 10.81 13.44
C HIS A 38 -7.83 10.93 13.18
N PRO A 39 -8.37 12.15 13.11
N PRO A 39 -8.38 12.14 13.12
CA PRO A 39 -9.82 12.30 12.86
CA PRO A 39 -9.83 12.26 12.86
C PRO A 39 -10.28 11.77 11.52
C PRO A 39 -10.27 11.67 11.54
N ASP A 40 -9.37 11.52 10.57
CA ASP A 40 -9.75 10.98 9.27
C ASP A 40 -9.35 9.53 9.07
N LEU A 41 -9.05 8.80 10.15
CA LEU A 41 -8.74 7.38 10.07
C LEU A 41 -9.48 6.60 11.15
N ASN A 42 -9.85 5.37 10.83
N ASN A 42 -9.73 5.32 10.88
CA ASN A 42 -10.26 4.37 11.81
CA ASN A 42 -10.32 4.40 11.85
C ASN A 42 -9.23 3.26 11.81
C ASN A 42 -9.45 3.14 11.89
N ILE A 43 -8.69 2.95 12.98
CA ILE A 43 -7.72 1.88 13.12
C ILE A 43 -8.37 0.77 13.94
N ARG A 44 -8.42 -0.44 13.39
CA ARG A 44 -9.15 -1.53 14.04
C ARG A 44 -8.30 -2.34 15.01
N GLY A 45 -6.99 -2.35 14.85
CA GLY A 45 -6.14 -3.18 15.66
C GLY A 45 -4.73 -3.13 15.11
N GLY A 46 -3.91 -4.07 15.57
CA GLY A 46 -2.56 -4.19 15.09
C GLY A 46 -1.66 -4.79 16.15
N ALA A 47 -0.37 -4.67 15.90
CA ALA A 47 0.66 -5.29 16.72
C ALA A 47 1.98 -4.62 16.40
N SER A 48 2.90 -4.64 17.35
CA SER A 48 4.23 -4.12 17.14
C SER A 48 5.26 -5.22 17.25
N PHE A 49 6.22 -5.21 16.31
CA PHE A 49 7.34 -6.14 16.30
C PHE A 49 8.67 -5.41 16.39
N VAL A 50 8.65 -4.17 16.86
CA VAL A 50 9.85 -3.38 17.07
C VAL A 50 10.24 -3.50 18.55
N PRO A 51 11.46 -3.93 18.86
CA PRO A 51 11.85 -4.16 20.26
C PRO A 51 11.68 -2.91 21.11
N GLY A 52 11.05 -3.08 22.27
CA GLY A 52 10.89 -1.99 23.21
C GLY A 52 9.90 -0.92 22.82
N GLU A 53 9.18 -1.11 21.72
CA GLU A 53 8.19 -0.16 21.22
C GLU A 53 6.86 -0.90 21.20
N PRO A 54 6.17 -1.00 22.34
CA PRO A 54 4.96 -1.85 22.40
C PRO A 54 3.73 -1.26 21.73
N SER A 55 3.71 0.05 21.50
N SER A 55 3.68 0.05 21.51
CA SER A 55 2.56 0.72 20.91
CA SER A 55 2.50 0.65 20.93
C SER A 55 2.61 0.63 19.39
C SER A 55 2.60 0.67 19.42
N THR A 56 1.44 0.73 18.77
CA THR A 56 1.36 0.84 17.33
C THR A 56 1.27 2.28 16.85
N GLN A 57 1.36 3.25 17.75
CA GLN A 57 1.34 4.64 17.31
C GLN A 57 2.60 4.94 16.46
N ASP A 58 2.48 5.93 15.60
CA ASP A 58 3.49 6.23 14.58
C ASP A 58 4.40 7.34 15.08
N GLY A 59 5.66 7.02 15.34
CA GLY A 59 6.62 8.03 15.76
C GLY A 59 7.35 8.71 14.62
N ASN A 60 6.99 8.39 13.38
CA ASN A 60 7.67 8.90 12.19
C ASN A 60 6.75 9.75 11.34
N GLY A 61 5.61 9.21 10.94
CA GLY A 61 4.67 9.87 10.04
C GLY A 61 4.40 9.05 8.80
N HIS A 62 5.38 8.26 8.38
CA HIS A 62 5.30 7.53 7.12
C HIS A 62 4.10 6.58 7.09
N GLY A 63 3.92 5.78 8.16
CA GLY A 63 2.85 4.79 8.18
C GLY A 63 1.47 5.42 8.21
N THR A 64 1.34 6.55 8.92
CA THR A 64 0.06 7.25 8.95
C THR A 64 -0.30 7.80 7.57
N HIS A 65 0.70 8.28 6.84
CA HIS A 65 0.48 8.81 5.51
C HIS A 65 0.05 7.69 4.56
N VAL A 66 0.78 6.57 4.57
CA VAL A 66 0.41 5.41 3.76
C VAL A 66 -1.01 4.95 4.07
N ALA A 67 -1.36 4.91 5.36
CA ALA A 67 -2.68 4.44 5.76
C ALA A 67 -3.77 5.32 5.20
N GLY A 68 -3.56 6.63 5.15
CA GLY A 68 -4.58 7.51 4.64
C GLY A 68 -4.81 7.40 3.15
N THR A 69 -3.78 7.01 2.39
CA THR A 69 -4.01 6.77 0.97
C THR A 69 -4.89 5.54 0.77
N ILE A 70 -4.72 4.52 1.62
CA ILE A 70 -5.60 3.35 1.56
C ILE A 70 -7.01 3.72 1.99
N ALA A 71 -7.16 4.40 3.13
CA ALA A 71 -8.44 4.32 3.81
C ALA A 71 -8.84 5.58 4.57
N ALA A 72 -8.35 6.76 4.19
CA ALA A 72 -8.89 7.95 4.82
C ALA A 72 -10.41 7.99 4.63
N LEU A 73 -11.12 8.37 5.69
CA LEU A 73 -12.55 8.20 5.78
C LEU A 73 -13.28 9.16 4.84
N ASN A 74 -14.41 8.70 4.33
CA ASN A 74 -15.24 9.51 3.44
C ASN A 74 -16.22 10.31 4.28
N ASN A 75 -15.95 11.60 4.42
CA ASN A 75 -16.68 12.47 5.34
C ASN A 75 -16.49 13.90 4.84
N SER A 76 -16.55 14.87 5.75
N SER A 76 -16.58 14.88 5.74
CA SER A 76 -16.50 16.28 5.39
CA SER A 76 -16.49 16.28 5.33
C SER A 76 -15.16 16.91 5.69
C SER A 76 -15.17 16.92 5.73
N ILE A 77 -14.14 16.12 6.03
CA ILE A 77 -12.84 16.64 6.42
C ILE A 77 -11.72 15.91 5.68
N GLY A 78 -10.56 16.55 5.64
CA GLY A 78 -9.33 15.85 5.29
C GLY A 78 -9.31 15.39 3.85
N VAL A 79 -8.92 14.14 3.66
CA VAL A 79 -8.75 13.54 2.34
C VAL A 79 -9.68 12.33 2.21
N LEU A 80 -9.43 11.50 1.22
CA LEU A 80 -10.31 10.38 0.91
C LEU A 80 -9.42 9.25 0.44
N GLY A 81 -9.55 8.06 1.03
CA GLY A 81 -8.74 6.94 0.59
C GLY A 81 -9.33 6.23 -0.61
N VAL A 82 -8.52 5.33 -1.19
CA VAL A 82 -9.02 4.49 -2.27
C VAL A 82 -10.15 3.58 -1.77
N ALA A 83 -10.02 3.07 -0.54
CA ALA A 83 -10.95 2.10 0.07
C ALA A 83 -11.33 2.64 1.44
N PRO A 84 -12.22 3.64 1.49
CA PRO A 84 -12.45 4.37 2.75
C PRO A 84 -13.11 3.56 3.84
N SER A 85 -13.69 2.40 3.52
CA SER A 85 -14.28 1.52 4.53
C SER A 85 -13.42 0.30 4.86
N ALA A 86 -12.20 0.21 4.33
CA ALA A 86 -11.36 -0.93 4.66
C ALA A 86 -11.04 -0.94 6.16
N GLU A 87 -10.82 -2.14 6.68
CA GLU A 87 -10.46 -2.33 8.08
C GLU A 87 -8.94 -2.28 8.17
N LEU A 88 -8.42 -1.24 8.80
CA LEU A 88 -6.99 -0.97 8.84
C LEU A 88 -6.37 -1.56 10.10
N TYR A 89 -5.27 -2.26 9.93
N TYR A 89 -5.28 -2.29 9.93
CA TYR A 89 -4.50 -2.82 11.05
CA TYR A 89 -4.51 -2.83 11.04
C TYR A 89 -3.08 -2.27 10.98
C TYR A 89 -3.10 -2.27 10.98
N ALA A 90 -2.62 -1.71 12.09
CA ALA A 90 -1.30 -1.13 12.17
C ALA A 90 -0.32 -2.20 12.62
N VAL A 91 0.60 -2.58 11.73
CA VAL A 91 1.60 -3.59 12.06
C VAL A 91 2.95 -2.89 12.06
N LYS A 92 3.43 -2.54 13.25
CA LYS A 92 4.64 -1.73 13.34
C LYS A 92 5.86 -2.64 13.19
N VAL A 93 6.57 -2.49 12.07
CA VAL A 93 7.76 -3.26 11.79
C VAL A 93 8.99 -2.38 11.59
N LEU A 94 8.80 -1.06 11.49
CA LEU A 94 9.88 -0.10 11.31
C LEU A 94 9.90 0.82 12.52
N GLY A 95 11.11 1.14 12.97
CA GLY A 95 11.29 2.13 14.01
C GLY A 95 11.09 3.54 13.51
N ALA A 96 11.20 4.50 14.44
CA ALA A 96 10.90 5.88 14.14
C ALA A 96 11.85 6.49 13.10
N SER A 97 13.05 5.93 12.93
CA SER A 97 13.93 6.42 11.87
C SER A 97 13.52 5.92 10.50
N GLY A 98 12.53 5.03 10.40
CA GLY A 98 12.20 4.39 9.15
C GLY A 98 12.98 3.12 8.90
N SER A 99 13.88 2.75 9.81
CA SER A 99 14.69 1.55 9.71
C SER A 99 13.94 0.38 10.32
N GLY A 100 14.16 -0.80 9.77
CA GLY A 100 13.68 -2.00 10.40
C GLY A 100 14.71 -3.11 10.31
N SER A 101 14.26 -4.33 10.57
CA SER A 101 15.08 -5.49 10.36
C SER A 101 14.27 -6.51 9.58
N VAL A 102 14.99 -7.44 8.95
CA VAL A 102 14.31 -8.57 8.33
C VAL A 102 13.45 -9.29 9.35
N SER A 103 13.94 -9.44 10.58
N SER A 103 13.94 -9.42 10.58
CA SER A 103 13.19 -10.19 11.58
CA SER A 103 13.21 -10.14 11.62
C SER A 103 11.87 -9.50 11.92
C SER A 103 11.84 -9.49 11.86
N SER A 104 11.87 -8.17 11.98
N SER A 104 11.81 -8.18 12.07
CA SER A 104 10.64 -7.46 12.34
CA SER A 104 10.55 -7.52 12.36
C SER A 104 9.62 -7.51 11.19
C SER A 104 9.59 -7.61 11.17
N ILE A 105 10.10 -7.38 9.95
CA ILE A 105 9.23 -7.44 8.78
C ILE A 105 8.67 -8.84 8.61
N ALA A 106 9.52 -9.87 8.77
CA ALA A 106 9.05 -11.24 8.63
C ALA A 106 8.00 -11.57 9.69
N GLN A 107 8.21 -11.12 10.94
CA GLN A 107 7.22 -11.34 11.99
C GLN A 107 5.91 -10.65 11.67
N GLY A 108 5.97 -9.44 11.10
CA GLY A 108 4.74 -8.77 10.72
C GLY A 108 3.97 -9.52 9.64
N LEU A 109 4.69 -10.09 8.67
CA LEU A 109 4.04 -10.89 7.64
C LEU A 109 3.44 -12.16 8.22
N GLU A 110 4.14 -12.80 9.14
CA GLU A 110 3.58 -13.97 9.82
C GLU A 110 2.30 -13.60 10.54
N TRP A 111 2.32 -12.47 11.27
CA TRP A 111 1.12 -12.01 11.96
C TRP A 111 -0.02 -11.80 10.97
N ALA A 112 0.27 -11.17 9.83
CA ALA A 112 -0.78 -10.89 8.87
C ALA A 112 -1.43 -12.18 8.38
N GLY A 113 -0.61 -13.19 8.08
CA GLY A 113 -1.16 -14.47 7.66
C GLY A 113 -1.97 -15.16 8.75
N ASN A 114 -1.47 -15.12 9.99
CA ASN A 114 -2.15 -15.81 11.07
C ASN A 114 -3.42 -15.13 11.52
N ASN A 115 -3.59 -13.85 11.19
CA ASN A 115 -4.76 -13.10 11.62
C ASN A 115 -5.71 -12.79 10.47
N GLY A 116 -5.57 -13.49 9.35
CA GLY A 116 -6.57 -13.43 8.30
C GLY A 116 -6.65 -12.12 7.56
N MET A 117 -5.54 -11.40 7.45
CA MET A 117 -5.52 -10.20 6.64
C MET A 117 -5.68 -10.57 5.17
N HIS A 118 -6.42 -9.73 4.44
CA HIS A 118 -6.58 -9.96 3.01
C HIS A 118 -5.46 -9.34 2.20
N VAL A 119 -4.98 -8.18 2.63
CA VAL A 119 -3.96 -7.44 1.90
C VAL A 119 -2.94 -6.98 2.92
N ALA A 120 -1.66 -7.07 2.57
CA ALA A 120 -0.59 -6.50 3.39
C ALA A 120 0.15 -5.49 2.55
N ASN A 121 0.22 -4.25 3.03
CA ASN A 121 0.90 -3.16 2.33
C ASN A 121 2.28 -3.02 2.94
N LEU A 122 3.32 -3.16 2.12
CA LEU A 122 4.73 -3.03 2.54
C LEU A 122 5.36 -1.88 1.75
N SER A 123 5.20 -0.66 2.26
CA SER A 123 5.85 0.51 1.67
C SER A 123 7.25 0.65 2.26
N LEU A 124 8.10 -0.31 1.91
CA LEU A 124 9.41 -0.45 2.53
C LEU A 124 10.23 -1.35 1.62
N GLY A 125 11.53 -1.34 1.86
CA GLY A 125 12.40 -2.22 1.09
C GLY A 125 13.70 -2.47 1.81
N SER A 126 14.38 -3.50 1.30
CA SER A 126 15.73 -3.83 1.67
C SER A 126 16.54 -4.01 0.39
N PRO A 127 17.80 -3.58 0.37
CA PRO A 127 18.59 -3.62 -0.87
C PRO A 127 19.10 -5.01 -1.21
N SER A 128 19.12 -5.94 -0.26
CA SER A 128 19.71 -7.23 -0.46
C SER A 128 18.68 -8.33 -0.26
N PRO A 129 18.83 -9.46 -0.94
N PRO A 129 18.82 -9.46 -0.94
CA PRO A 129 17.94 -10.60 -0.71
CA PRO A 129 17.91 -10.58 -0.72
C PRO A 129 18.09 -11.11 0.71
C PRO A 129 18.10 -11.18 0.66
N SER A 130 17.05 -11.80 1.17
CA SER A 130 17.06 -12.46 2.47
C SER A 130 16.12 -13.65 2.35
N ALA A 131 16.63 -14.86 2.59
CA ALA A 131 15.78 -16.03 2.57
C ALA A 131 14.65 -15.94 3.60
N THR A 132 14.92 -15.31 4.74
CA THR A 132 13.88 -15.16 5.74
C THR A 132 12.74 -14.30 5.20
N LEU A 133 13.09 -13.23 4.48
N LEU A 133 13.08 -13.21 4.51
CA LEU A 133 12.06 -12.38 3.91
CA LEU A 133 12.06 -12.37 3.90
C LEU A 133 11.29 -13.09 2.81
C LEU A 133 11.28 -13.13 2.83
N GLU A 134 12.00 -13.83 1.95
CA GLU A 134 11.32 -14.58 0.88
C GLU A 134 10.37 -15.62 1.47
N GLN A 135 10.82 -16.35 2.50
CA GLN A 135 9.97 -17.35 3.13
C GLN A 135 8.75 -16.73 3.76
N ALA A 136 8.90 -15.56 4.39
CA ALA A 136 7.77 -14.89 5.00
C ALA A 136 6.76 -14.43 3.97
N VAL A 137 7.23 -13.89 2.84
CA VAL A 137 6.32 -13.53 1.75
C VAL A 137 5.57 -14.78 1.26
N ASN A 138 6.30 -15.87 1.05
CA ASN A 138 5.67 -17.08 0.53
C ASN A 138 4.69 -17.66 1.53
N SER A 139 5.04 -17.59 2.82
CA SER A 139 4.16 -18.12 3.85
C SER A 139 2.85 -17.33 3.91
N ALA A 140 2.96 -16.00 3.91
CA ALA A 140 1.76 -15.15 3.93
C ALA A 140 0.90 -15.41 2.70
N THR A 141 1.54 -15.54 1.53
CA THR A 141 0.81 -15.77 0.29
C THR A 141 0.08 -17.12 0.33
N SER A 142 0.75 -18.17 0.81
N SER A 142 0.75 -18.16 0.83
N SER A 142 0.74 -18.17 0.83
CA SER A 142 0.10 -19.48 0.90
CA SER A 142 0.15 -19.50 0.93
CA SER A 142 0.11 -19.48 0.90
C SER A 142 -1.12 -19.42 1.82
C SER A 142 -1.04 -19.50 1.88
C SER A 142 -1.06 -19.49 1.87
N ARG A 143 -1.02 -18.65 2.90
CA ARG A 143 -2.13 -18.53 3.84
C ARG A 143 -3.29 -17.73 3.29
N GLY A 144 -3.06 -16.93 2.24
CA GLY A 144 -4.12 -16.20 1.54
C GLY A 144 -3.92 -14.71 1.44
N VAL A 145 -2.83 -14.14 1.97
CA VAL A 145 -2.62 -12.69 1.97
C VAL A 145 -2.08 -12.26 0.61
N LEU A 146 -2.59 -11.14 0.08
CA LEU A 146 -1.96 -10.46 -1.05
C LEU A 146 -0.93 -9.47 -0.53
N VAL A 147 0.34 -9.71 -0.83
CA VAL A 147 1.43 -8.85 -0.39
C VAL A 147 1.72 -7.85 -1.51
N VAL A 148 1.67 -6.56 -1.18
N VAL A 148 1.58 -6.56 -1.21
CA VAL A 148 1.89 -5.46 -2.12
CA VAL A 148 1.94 -5.51 -2.16
C VAL A 148 3.06 -4.63 -1.60
C VAL A 148 3.11 -4.74 -1.58
N ALA A 149 4.08 -4.43 -2.44
CA ALA A 149 5.33 -3.83 -1.96
C ALA A 149 5.87 -2.80 -2.93
N ALA A 150 6.59 -1.82 -2.39
CA ALA A 150 7.15 -0.71 -3.15
C ALA A 150 8.41 -1.14 -3.90
N SER A 151 8.59 -0.61 -5.11
CA SER A 151 9.77 -0.98 -5.89
C SER A 151 11.04 -0.30 -5.41
N GLY A 152 10.95 0.83 -4.73
CA GLY A 152 12.10 1.55 -4.21
C GLY A 152 12.34 2.86 -4.94
N ASN A 153 13.13 3.73 -4.29
CA ASN A 153 13.29 5.11 -4.74
C ASN A 153 14.69 5.44 -5.23
N SER A 154 15.50 4.46 -5.62
CA SER A 154 16.87 4.76 -6.00
C SER A 154 17.02 5.21 -7.44
N GLY A 155 15.98 5.06 -8.26
CA GLY A 155 16.06 5.37 -9.67
C GLY A 155 16.65 4.28 -10.54
N ALA A 156 17.10 3.18 -9.95
CA ALA A 156 17.81 2.13 -10.68
C ALA A 156 16.86 1.20 -11.42
N GLY A 157 17.42 0.49 -12.39
CA GLY A 157 16.75 -0.50 -13.20
C GLY A 157 16.69 -1.89 -12.61
N SER A 158 16.64 -1.98 -11.28
N SER A 158 16.73 -1.98 -11.29
N SER A 158 16.68 -1.96 -11.29
CA SER A 158 16.39 -3.24 -10.59
CA SER A 158 16.33 -3.20 -10.60
CA SER A 158 16.41 -3.20 -10.55
C SER A 158 15.68 -2.93 -9.28
C SER A 158 15.47 -2.79 -9.42
C SER A 158 15.58 -2.85 -9.32
N ILE A 159 14.68 -3.74 -8.92
CA ILE A 159 13.76 -3.35 -7.86
CA ILE A 159 13.67 -3.49 -7.89
C ILE A 159 14.17 -3.97 -6.52
N SER A 160 13.70 -3.31 -5.46
N SER A 160 13.76 -3.26 -5.47
N SER A 160 13.63 -3.34 -5.48
CA SER A 160 14.07 -3.67 -4.10
CA SER A 160 14.14 -3.64 -4.11
CA SER A 160 14.01 -3.62 -4.11
C SER A 160 13.45 -5.00 -3.69
C SER A 160 13.42 -4.91 -3.67
C SER A 160 13.30 -4.87 -3.59
N TYR A 161 13.85 -5.44 -2.51
CA TYR A 161 13.25 -6.60 -1.85
C TYR A 161 12.36 -6.11 -0.71
N PRO A 162 11.20 -6.75 -0.46
CA PRO A 162 10.74 -7.99 -1.06
C PRO A 162 9.96 -7.83 -2.35
N ALA A 163 9.81 -6.61 -2.88
CA ALA A 163 9.06 -6.44 -4.12
C ALA A 163 9.58 -7.35 -5.23
N ARG A 164 10.89 -7.58 -5.27
CA ARG A 164 11.47 -8.38 -6.35
C ARG A 164 11.03 -9.84 -6.31
N TYR A 165 10.62 -10.35 -5.16
CA TYR A 165 10.21 -11.74 -5.07
C TYR A 165 8.90 -11.97 -5.82
N ALA A 166 8.77 -13.19 -6.36
CA ALA A 166 7.67 -13.51 -7.26
C ALA A 166 6.32 -13.31 -6.59
N ASN A 167 6.20 -13.65 -5.31
CA ASN A 167 4.91 -13.63 -4.64
C ASN A 167 4.58 -12.29 -3.99
N ALA A 168 5.39 -11.26 -4.19
CA ALA A 168 5.01 -9.90 -3.81
C ALA A 168 4.67 -9.13 -5.07
N MET A 169 3.56 -8.40 -5.02
CA MET A 169 3.19 -7.54 -6.14
C MET A 169 3.99 -6.25 -6.01
N ALA A 170 4.79 -5.93 -7.03
CA ALA A 170 5.73 -4.81 -6.98
C ALA A 170 5.14 -3.59 -7.66
N VAL A 171 5.18 -2.45 -6.96
CA VAL A 171 4.50 -1.22 -7.39
C VAL A 171 5.52 -0.11 -7.56
N GLY A 172 5.57 0.48 -8.76
CA GLY A 172 6.34 1.68 -9.01
C GLY A 172 5.44 2.91 -9.01
N ALA A 173 6.07 4.07 -9.25
CA ALA A 173 5.41 5.37 -9.09
C ALA A 173 5.38 6.16 -10.39
N THR A 174 4.24 6.79 -10.64
CA THR A 174 4.07 7.73 -11.75
C THR A 174 3.84 9.14 -11.24
N ASP A 175 4.02 10.09 -12.15
CA ASP A 175 3.76 11.50 -11.90
C ASP A 175 2.45 11.94 -12.53
N GLN A 176 2.19 13.25 -12.49
CA GLN A 176 0.92 13.76 -12.98
C GLN A 176 0.76 13.68 -14.50
N ASN A 177 1.84 13.45 -15.23
CA ASN A 177 1.80 13.26 -16.68
C ASN A 177 1.65 11.80 -17.05
N ASN A 178 1.53 10.90 -16.07
CA ASN A 178 1.53 9.46 -16.30
C ASN A 178 2.86 8.97 -16.86
N ASN A 179 3.95 9.65 -16.52
CA ASN A 179 5.30 9.14 -16.74
C ASN A 179 5.83 8.49 -15.46
N ARG A 180 6.80 7.60 -15.62
CA ARG A 180 7.48 7.04 -14.46
C ARG A 180 8.20 8.16 -13.74
N ALA A 181 8.01 8.25 -12.43
CA ALA A 181 8.77 9.22 -11.63
C ALA A 181 10.25 8.86 -11.71
N SER A 182 11.11 9.88 -11.72
CA SER A 182 12.53 9.64 -11.95
C SER A 182 13.14 8.71 -10.90
N PHE A 183 12.65 8.77 -9.67
CA PHE A 183 13.19 7.96 -8.59
C PHE A 183 12.67 6.53 -8.61
N SER A 184 11.64 6.22 -9.39
CA SER A 184 10.95 4.94 -9.23
C SER A 184 11.78 3.80 -9.80
N GLN A 185 12.15 2.84 -8.96
CA GLN A 185 12.90 1.70 -9.45
C GLN A 185 12.03 0.87 -10.40
N TYR A 186 12.69 0.24 -11.36
CA TYR A 186 11.99 -0.49 -12.41
C TYR A 186 12.79 -1.74 -12.76
N GLY A 187 12.27 -2.52 -13.70
CA GLY A 187 12.98 -3.69 -14.18
C GLY A 187 12.25 -4.98 -13.92
N ALA A 188 13.01 -6.07 -13.89
CA ALA A 188 12.44 -7.40 -13.75
C ALA A 188 11.63 -7.50 -12.46
N GLY A 189 10.42 -8.00 -12.58
CA GLY A 189 9.57 -8.18 -11.42
C GLY A 189 8.57 -7.08 -11.19
N LEU A 190 8.63 -5.96 -11.91
CA LEU A 190 7.68 -4.88 -11.68
C LEU A 190 6.30 -5.27 -12.19
N ASP A 191 5.27 -5.08 -11.38
CA ASP A 191 3.92 -5.50 -11.75
C ASP A 191 3.03 -4.38 -12.26
N ILE A 192 3.11 -3.19 -11.67
CA ILE A 192 2.09 -2.18 -11.87
C ILE A 192 2.66 -0.88 -11.33
N VAL A 193 2.03 0.25 -11.69
CA VAL A 193 2.43 1.55 -11.17
C VAL A 193 1.21 2.33 -10.71
N ALA A 194 1.46 3.34 -9.89
CA ALA A 194 0.40 4.16 -9.34
C ALA A 194 0.98 5.52 -8.99
N PRO A 195 0.13 6.53 -8.76
CA PRO A 195 0.63 7.88 -8.42
C PRO A 195 1.55 7.89 -7.20
N GLY A 196 2.70 8.57 -7.33
CA GLY A 196 3.67 8.61 -6.25
C GLY A 196 4.39 9.94 -6.09
N VAL A 197 3.87 11.01 -6.68
N VAL A 197 3.90 11.00 -6.70
CA VAL A 197 4.47 12.33 -6.60
CA VAL A 197 4.49 12.32 -6.54
C VAL A 197 3.44 13.30 -6.01
C VAL A 197 3.44 13.25 -5.96
N ASN A 198 3.86 14.10 -5.02
CA ASN A 198 2.99 15.11 -4.42
CA ASN A 198 2.98 15.11 -4.42
C ASN A 198 1.67 14.51 -3.94
N VAL A 199 1.78 13.45 -3.12
CA VAL A 199 0.63 12.72 -2.61
C VAL A 199 0.28 13.27 -1.23
N GLN A 200 -0.88 13.92 -1.13
CA GLN A 200 -1.36 14.46 0.13
C GLN A 200 -2.11 13.37 0.89
N SER A 201 -1.80 13.23 2.18
CA SER A 201 -2.50 12.24 2.99
C SER A 201 -2.43 12.67 4.45
N THR A 202 -3.00 11.83 5.31
CA THR A 202 -3.03 12.03 6.76
C THR A 202 -1.62 11.97 7.35
N TYR A 203 -1.42 12.70 8.45
CA TYR A 203 -0.11 12.77 9.10
C TYR A 203 -0.32 12.99 10.59
N PRO A 204 0.60 12.51 11.44
CA PRO A 204 0.41 12.67 12.88
C PRO A 204 0.28 14.14 13.28
N GLY A 205 -0.36 14.35 14.43
CA GLY A 205 -0.71 15.69 14.86
C GLY A 205 -1.98 16.19 14.27
N SER A 206 -2.84 15.28 13.80
CA SER A 206 -4.15 15.64 13.24
CA SER A 206 -4.14 15.64 13.23
C SER A 206 -4.00 16.59 12.05
N THR A 207 -2.99 16.32 11.22
CA THR A 207 -2.74 17.18 10.08
C THR A 207 -2.58 16.38 8.79
N TYR A 208 -2.06 17.01 7.75
CA TYR A 208 -1.94 16.43 6.42
C TYR A 208 -0.60 16.87 5.85
N ALA A 209 -0.03 16.03 5.00
CA ALA A 209 1.27 16.35 4.41
C ALA A 209 1.36 15.73 3.04
N SER A 210 2.19 16.34 2.20
N SER A 210 2.23 16.29 2.20
CA SER A 210 2.48 15.84 0.86
CA SER A 210 2.43 15.81 0.83
C SER A 210 3.84 15.15 0.88
C SER A 210 3.84 15.22 0.69
N LEU A 211 3.89 13.94 0.31
CA LEU A 211 5.15 13.19 0.20
C LEU A 211 5.28 12.59 -1.18
N ASN A 212 6.52 12.23 -1.52
CA ASN A 212 6.85 11.58 -2.77
CA ASN A 212 6.87 11.58 -2.78
C ASN A 212 7.49 10.22 -2.49
N GLY A 213 7.19 9.25 -3.35
CA GLY A 213 7.90 7.98 -3.25
C GLY A 213 7.08 6.83 -3.78
N THR A 214 7.78 5.71 -4.04
CA THR A 214 7.08 4.48 -4.32
C THR A 214 6.29 3.99 -3.11
N SER A 215 6.67 4.44 -1.91
N SER A 215 6.66 4.43 -1.91
CA SER A 215 5.88 4.18 -0.70
CA SER A 215 5.86 4.11 -0.73
C SER A 215 4.48 4.72 -0.82
C SER A 215 4.50 4.78 -0.75
N MET A 216 4.31 5.82 -1.56
CA MET A 216 3.00 6.46 -1.74
C MET A 216 2.21 5.82 -2.86
N ALA A 217 2.91 5.23 -3.84
CA ALA A 217 2.23 4.52 -4.92
C ALA A 217 1.58 3.24 -4.42
N THR A 218 2.33 2.47 -3.63
CA THR A 218 1.91 1.16 -3.15
C THR A 218 0.52 1.16 -2.53
N PRO A 219 0.18 2.06 -1.60
CA PRO A 219 -1.16 2.01 -0.99
C PRO A 219 -2.29 2.27 -1.98
N HIS A 220 -2.06 2.95 -3.11
CA HIS A 220 -3.13 3.05 -4.10
C HIS A 220 -3.52 1.66 -4.60
N VAL A 221 -2.52 0.78 -4.79
CA VAL A 221 -2.77 -0.58 -5.28
C VAL A 221 -3.36 -1.45 -4.18
N ALA A 222 -2.85 -1.32 -2.94
CA ALA A 222 -3.45 -2.05 -1.83
C ALA A 222 -4.93 -1.68 -1.67
N GLY A 223 -5.25 -0.39 -1.79
CA GLY A 223 -6.64 0.02 -1.74
C GLY A 223 -7.48 -0.51 -2.88
N ALA A 224 -6.92 -0.50 -4.09
CA ALA A 224 -7.65 -1.05 -5.23
C ALA A 224 -7.94 -2.53 -5.04
N ALA A 225 -6.96 -3.27 -4.49
CA ALA A 225 -7.18 -4.69 -4.20
C ALA A 225 -8.35 -4.89 -3.24
N ALA A 226 -8.49 -4.00 -2.25
CA ALA A 226 -9.59 -4.09 -1.30
C ALA A 226 -10.93 -3.89 -1.99
N LEU A 227 -11.00 -2.99 -2.98
CA LEU A 227 -12.25 -2.79 -3.71
C LEU A 227 -12.62 -4.05 -4.49
N VAL A 228 -11.63 -4.67 -5.13
CA VAL A 228 -11.87 -5.89 -5.89
C VAL A 228 -12.32 -7.02 -4.97
N LYS A 229 -11.70 -7.12 -3.79
CA LYS A 229 -12.09 -8.16 -2.83
C LYS A 229 -13.51 -7.96 -2.33
N GLN A 230 -13.95 -6.72 -2.10
CA GLN A 230 -15.34 -6.52 -1.69
C GLN A 230 -16.31 -6.97 -2.77
N LYS A 231 -16.01 -6.66 -4.03
CA LYS A 231 -16.87 -7.05 -5.14
C LYS A 231 -16.89 -8.56 -5.33
N ASN A 232 -15.75 -9.22 -5.14
CA ASN A 232 -15.52 -10.62 -5.45
C ASN A 232 -14.97 -11.32 -4.22
N PRO A 233 -15.80 -11.54 -3.19
N PRO A 233 -15.79 -11.52 -3.19
CA PRO A 233 -15.26 -12.05 -1.92
CA PRO A 233 -15.26 -12.06 -1.92
C PRO A 233 -14.68 -13.45 -1.99
C PRO A 233 -14.59 -13.41 -2.05
N SER A 234 -15.01 -14.24 -3.00
CA SER A 234 -14.45 -15.57 -3.16
C SER A 234 -13.10 -15.59 -3.88
N TRP A 235 -12.63 -14.47 -4.42
CA TRP A 235 -11.39 -14.50 -5.19
C TRP A 235 -10.18 -14.62 -4.26
N SER A 236 -9.16 -15.32 -4.75
CA SER A 236 -7.91 -15.46 -4.04
C SER A 236 -6.99 -14.27 -4.30
N ASN A 237 -5.92 -14.21 -3.49
CA ASN A 237 -4.88 -13.21 -3.69
C ASN A 237 -4.38 -13.18 -5.13
N VAL A 238 -4.13 -14.36 -5.70
CA VAL A 238 -3.56 -14.43 -7.04
C VAL A 238 -4.55 -13.92 -8.07
N GLN A 239 -5.84 -14.24 -7.90
CA GLN A 239 -6.84 -13.75 -8.83
C GLN A 239 -6.95 -12.22 -8.78
N ILE A 240 -6.90 -11.66 -7.58
CA ILE A 240 -6.98 -10.20 -7.45
C ILE A 240 -5.77 -9.55 -8.10
N ARG A 241 -4.58 -10.09 -7.83
CA ARG A 241 -3.36 -9.55 -8.42
C ARG A 241 -3.43 -9.56 -9.94
N ASN A 242 -3.83 -10.68 -10.52
CA ASN A 242 -3.88 -10.77 -11.97
C ASN A 242 -4.95 -9.86 -12.55
N HIS A 243 -6.08 -9.71 -11.85
CA HIS A 243 -7.13 -8.84 -12.36
C HIS A 243 -6.70 -7.38 -12.36
N LEU A 244 -5.99 -6.95 -11.31
CA LEU A 244 -5.48 -5.58 -11.29
C LEU A 244 -4.54 -5.35 -12.46
N LYS A 245 -3.68 -6.33 -12.77
CA LYS A 245 -2.78 -6.15 -13.91
C LYS A 245 -3.53 -6.16 -15.23
N ASN A 246 -4.52 -7.04 -15.35
CA ASN A 246 -5.23 -7.17 -16.61
C ASN A 246 -6.09 -5.95 -16.92
N THR A 247 -6.49 -5.19 -15.91
CA THR A 247 -7.36 -4.04 -16.10
C THR A 247 -6.62 -2.72 -15.98
N ALA A 248 -5.30 -2.75 -15.82
CA ALA A 248 -4.51 -1.53 -15.74
C ALA A 248 -4.45 -0.85 -17.10
N THR A 249 -4.23 0.46 -17.07
CA THR A 249 -4.04 1.22 -18.30
C THR A 249 -2.59 1.11 -18.73
N SER A 250 -2.34 0.47 -19.88
CA SER A 250 -0.97 0.30 -20.32
C SER A 250 -0.30 1.66 -20.53
N LEU A 251 0.93 1.79 -20.07
CA LEU A 251 1.70 3.01 -20.27
C LEU A 251 2.91 2.81 -21.14
N GLY A 252 3.14 1.61 -21.64
CA GLY A 252 4.29 1.33 -22.47
C GLY A 252 5.04 0.12 -21.98
N SER A 253 6.36 0.18 -22.07
CA SER A 253 7.19 -0.99 -21.81
C SER A 253 6.93 -1.56 -20.41
N THR A 254 6.78 -2.88 -20.33
CA THR A 254 6.58 -3.50 -19.03
C THR A 254 7.81 -3.40 -18.15
N ASN A 255 9.01 -3.19 -18.73
CA ASN A 255 10.20 -3.02 -17.91
C ASN A 255 10.11 -1.75 -17.06
N LEU A 256 9.46 -0.72 -17.58
CA LEU A 256 9.36 0.56 -16.88
C LEU A 256 8.09 0.68 -16.05
N TYR A 257 7.01 0.03 -16.48
N TYR A 257 6.99 0.08 -16.50
CA TYR A 257 5.68 0.30 -15.98
CA TYR A 257 5.69 0.33 -15.91
C TYR A 257 4.94 -0.92 -15.49
C TYR A 257 4.95 -0.92 -15.47
N GLY A 258 5.51 -2.11 -15.66
CA GLY A 258 4.72 -3.31 -15.47
C GLY A 258 3.53 -3.25 -16.41
N SER A 259 2.38 -3.69 -15.91
CA SER A 259 1.16 -3.69 -16.73
C SER A 259 0.58 -2.30 -16.92
N GLY A 260 1.07 -1.30 -16.19
CA GLY A 260 0.61 0.05 -16.35
C GLY A 260 -0.04 0.62 -15.11
N LEU A 261 -0.88 1.63 -15.31
CA LEU A 261 -1.45 2.39 -14.22
C LEU A 261 -2.68 1.67 -13.68
N VAL A 262 -2.69 1.42 -12.37
CA VAL A 262 -3.84 0.79 -11.75
C VAL A 262 -5.11 1.60 -12.01
N ASN A 263 -6.22 0.90 -12.26
CA ASN A 263 -7.48 1.54 -12.64
C ASN A 263 -8.59 0.85 -11.85
N ALA A 264 -9.04 1.51 -10.78
CA ALA A 264 -10.06 0.92 -9.91
C ALA A 264 -11.42 0.85 -10.58
N GLU A 265 -11.70 1.74 -11.55
CA GLU A 265 -12.96 1.65 -12.27
C GLU A 265 -12.99 0.40 -13.12
N ALA A 266 -11.94 0.20 -13.92
CA ALA A 266 -11.90 -0.98 -14.78
C ALA A 266 -11.84 -2.25 -13.96
N ALA A 267 -11.15 -2.21 -12.81
CA ALA A 267 -11.02 -3.42 -11.99
C ALA A 267 -12.33 -3.83 -11.32
N THR A 268 -13.29 -2.93 -11.19
CA THR A 268 -14.54 -3.25 -10.51
C THR A 268 -15.74 -3.20 -11.44
N ARG A 269 -15.51 -3.17 -12.76
CA ARG A 269 -16.58 -3.19 -13.76
C ARG A 269 -17.22 -4.56 -13.75
CA CA B . -12.02 12.46 4.87
NA NA C . 7.39 -9.27 -7.27
#